data_2QH3
#
_entry.id   2QH3
#
_entity_poly.entity_id   1
_entity_poly.type   'polyribonucleotide'
_entity_poly.pdbx_seq_one_letter_code
;GGAGUGCCUUACUGUGGCACUCC
;
_entity_poly.pdbx_strand_id   A
#
loop_
_chem_comp.id
_chem_comp.type
_chem_comp.name
_chem_comp.formula
A RNA linking ADENOSINE-5'-MONOPHOSPHATE 'C10 H14 N5 O7 P'
C RNA linking CYTIDINE-5'-MONOPHOSPHATE 'C9 H14 N3 O8 P'
G RNA linking GUANOSINE-5'-MONOPHOSPHATE 'C10 H14 N5 O8 P'
U RNA linking URIDINE-5'-MONOPHOSPHATE 'C9 H13 N2 O9 P'
#